data_1FID
#
_entry.id   1FID
#
_cell.length_a   84.360
_cell.length_b   62.560
_cell.length_c   49.620
_cell.angle_alpha   90.00
_cell.angle_beta   90.00
_cell.angle_gamma   90.00
#
_symmetry.space_group_name_H-M   'P 21 21 2'
#
loop_
_entity.id
_entity.type
_entity.pdbx_description
1 polymer 'GAMMA FIBRINOGEN'
2 non-polymer 'CALCIUM ION'
3 water water
#
_entity_poly.entity_id   1
_entity_poly.type   'polypeptide(L)'
_entity_poly.pdbx_seq_one_letter_code
;VQIHDITGKDCQDIANKGAKQSGLYFIKPLKANQQFLVYCEIDGSGNGWTVFQKRLDGSVDFKKNWIQYKEGFGHLSPTG
TTEFWLGNEKIHLISTQSAIPYALRVELEDWNGRTSTADYAMFKVGPEADKYRLTYAYFAGGDAGDAFDGFDFGDDPSDK
FFTSHNGMQFSTWDNDNDKFEGNCAEQDGSGWWMNKCHAGHLNGVYYQGGTYSKASTPNGYDNGIIWATWKTRWYSMKKT
TMKIIPFNRLTIGEGQQHHLGGAKQAGDV
;
_entity_poly.pdbx_strand_id   A
#
loop_
_chem_comp.id
_chem_comp.type
_chem_comp.name
_chem_comp.formula
CA non-polymer 'CALCIUM ION' 'Ca 2'
#
# COMPACT_ATOMS: atom_id res chain seq x y z
N GLN A 2 -14.94 -16.49 -12.54
CA GLN A 2 -13.51 -16.12 -12.34
C GLN A 2 -13.22 -14.67 -12.76
N ILE A 3 -13.33 -14.35 -14.05
CA ILE A 3 -13.06 -12.98 -14.54
C ILE A 3 -14.30 -12.33 -15.12
N HIS A 4 -14.59 -11.12 -14.66
CA HIS A 4 -15.74 -10.36 -15.10
C HIS A 4 -15.47 -9.69 -16.44
N ASP A 5 -16.55 -9.40 -17.16
CA ASP A 5 -16.45 -8.83 -18.51
C ASP A 5 -16.35 -7.31 -18.67
N ILE A 6 -16.76 -6.56 -17.65
CA ILE A 6 -16.70 -5.09 -17.70
C ILE A 6 -15.25 -4.62 -17.54
N THR A 7 -14.85 -3.67 -18.37
CA THR A 7 -13.49 -3.12 -18.33
C THR A 7 -13.55 -1.60 -18.13
N GLY A 8 -12.40 -0.98 -17.88
CA GLY A 8 -12.36 0.46 -17.67
C GLY A 8 -10.94 0.90 -17.39
N LYS A 9 -10.74 2.18 -17.11
CA LYS A 9 -9.41 2.73 -16.83
C LYS A 9 -8.94 2.33 -15.41
N ASP A 10 -9.90 2.05 -14.54
CA ASP A 10 -9.65 1.59 -13.17
C ASP A 10 -10.92 0.96 -12.62
N CYS A 11 -10.93 0.57 -11.35
CA CYS A 11 -12.10 -0.05 -10.76
C CYS A 11 -13.27 0.88 -10.51
N GLN A 12 -13.02 2.18 -10.40
CA GLN A 12 -14.11 3.13 -10.18
C GLN A 12 -14.86 3.32 -11.50
N ASP A 13 -14.13 3.24 -12.60
CA ASP A 13 -14.71 3.36 -13.93
C ASP A 13 -15.61 2.14 -14.15
N ILE A 14 -15.12 0.99 -13.71
CA ILE A 14 -15.86 -0.26 -13.83
C ILE A 14 -17.12 -0.21 -12.96
N ALA A 15 -17.01 0.30 -11.74
CA ALA A 15 -18.17 0.42 -10.87
C ALA A 15 -19.20 1.37 -11.48
N ASN A 16 -18.71 2.44 -12.12
CA ASN A 16 -19.60 3.44 -12.72
C ASN A 16 -20.39 2.88 -13.90
N LYS A 17 -19.83 1.88 -14.56
CA LYS A 17 -20.49 1.28 -15.70
C LYS A 17 -21.60 0.34 -15.31
N GLY A 18 -21.61 -0.10 -14.06
CA GLY A 18 -22.65 -1.01 -13.62
C GLY A 18 -22.22 -2.21 -12.81
N ALA A 19 -20.90 -2.46 -12.73
CA ALA A 19 -20.38 -3.59 -11.96
C ALA A 19 -20.84 -3.52 -10.50
N LYS A 20 -21.24 -4.67 -9.97
CA LYS A 20 -21.74 -4.78 -8.60
C LYS A 20 -20.93 -5.74 -7.71
N GLN A 21 -20.14 -6.61 -8.32
CA GLN A 21 -19.39 -7.61 -7.59
C GLN A 21 -17.89 -7.34 -7.49
N SER A 22 -17.31 -7.58 -6.32
CA SER A 22 -15.86 -7.46 -6.13
C SER A 22 -15.31 -8.67 -6.90
N GLY A 23 -14.10 -8.57 -7.44
CA GLY A 23 -13.57 -9.69 -8.18
C GLY A 23 -12.52 -9.27 -9.17
N LEU A 24 -12.20 -10.14 -10.12
CA LEU A 24 -11.18 -9.89 -11.12
C LEU A 24 -11.70 -9.24 -12.39
N TYR A 25 -11.05 -8.16 -12.80
CA TYR A 25 -11.43 -7.41 -13.99
C TYR A 25 -10.18 -6.95 -14.70
N PHE A 26 -10.30 -6.71 -15.99
CA PHE A 26 -9.20 -6.19 -16.78
C PHE A 26 -9.39 -4.67 -16.79
N ILE A 27 -8.30 -3.92 -16.64
CA ILE A 27 -8.38 -2.46 -16.72
C ILE A 27 -7.35 -1.99 -17.74
N LYS A 28 -7.64 -0.89 -18.41
CA LYS A 28 -6.71 -0.36 -19.39
C LYS A 28 -6.45 1.10 -19.06
N PRO A 29 -5.36 1.37 -18.33
CA PRO A 29 -5.02 2.73 -17.97
C PRO A 29 -4.76 3.57 -19.22
N LEU A 30 -5.22 4.81 -19.17
CA LEU A 30 -5.02 5.73 -20.27
C LEU A 30 -3.56 5.83 -20.63
N LYS A 31 -3.29 6.08 -21.92
CA LYS A 31 -1.96 6.23 -22.53
C LYS A 31 -0.94 5.11 -22.35
N ALA A 32 -1.32 4.01 -21.70
CA ALA A 32 -0.40 2.90 -21.48
C ALA A 32 -0.40 1.88 -22.63
N ASN A 33 -1.58 1.64 -23.19
CA ASN A 33 -1.77 0.65 -24.26
C ASN A 33 -1.45 -0.73 -23.72
N GLN A 34 -1.81 -0.91 -22.45
CA GLN A 34 -1.63 -2.16 -21.73
C GLN A 34 -2.90 -2.48 -20.97
N GLN A 35 -3.26 -3.76 -20.94
CA GLN A 35 -4.44 -4.21 -20.23
C GLN A 35 -3.98 -5.30 -19.30
N PHE A 36 -4.46 -5.28 -18.07
CA PHE A 36 -4.08 -6.29 -17.10
C PHE A 36 -5.13 -6.53 -16.01
N LEU A 37 -5.09 -7.73 -15.44
CA LEU A 37 -6.01 -8.13 -14.39
C LEU A 37 -5.74 -7.42 -13.08
N VAL A 38 -6.81 -7.04 -12.41
CA VAL A 38 -6.70 -6.43 -11.09
C VAL A 38 -7.89 -6.92 -10.29
N TYR A 39 -7.79 -6.81 -8.98
CA TYR A 39 -8.90 -7.17 -8.11
C TYR A 39 -9.55 -5.84 -7.73
N CYS A 40 -10.86 -5.75 -8.00
CA CYS A 40 -11.65 -4.57 -7.67
C CYS A 40 -12.50 -4.88 -6.46
N GLU A 41 -12.52 -3.96 -5.50
CA GLU A 41 -13.34 -4.10 -4.33
C GLU A 41 -14.47 -3.11 -4.58
N ILE A 42 -15.65 -3.63 -4.87
CA ILE A 42 -16.82 -2.81 -5.19
C ILE A 42 -17.87 -2.95 -4.10
N ASP A 43 -18.22 -1.83 -3.45
CA ASP A 43 -19.22 -1.83 -2.39
C ASP A 43 -20.63 -1.35 -2.78
N GLY A 44 -21.51 -1.29 -1.80
CA GLY A 44 -22.87 -0.84 -2.03
C GLY A 44 -22.98 0.64 -2.37
N SER A 45 -22.00 1.42 -1.90
CA SER A 45 -21.96 2.85 -2.16
C SER A 45 -21.63 3.22 -3.61
N GLY A 46 -21.24 2.24 -4.41
CA GLY A 46 -20.88 2.54 -5.79
C GLY A 46 -19.40 2.92 -5.90
N ASN A 47 -18.64 2.61 -4.86
CA ASN A 47 -17.20 2.89 -4.84
C ASN A 47 -16.49 1.67 -5.40
N GLY A 48 -15.47 1.92 -6.23
CA GLY A 48 -14.71 0.82 -6.79
C GLY A 48 -13.24 1.02 -6.48
N TRP A 49 -12.70 0.25 -5.54
CA TRP A 49 -11.29 0.33 -5.15
C TRP A 49 -10.42 -0.61 -5.96
N THR A 50 -9.28 -0.10 -6.45
CA THR A 50 -8.32 -0.92 -7.19
C THR A 50 -7.28 -1.30 -6.17
N VAL A 51 -7.27 -2.58 -5.80
CA VAL A 51 -6.34 -3.09 -4.79
C VAL A 51 -5.02 -3.48 -5.41
N PHE A 52 -3.92 -3.03 -4.78
CA PHE A 52 -2.60 -3.35 -5.30
C PHE A 52 -1.74 -4.14 -4.32
N GLN A 53 -2.16 -4.22 -3.06
CA GLN A 53 -1.44 -5.01 -2.07
C GLN A 53 -2.42 -5.64 -1.10
N LYS A 54 -2.13 -6.87 -0.68
CA LYS A 54 -2.97 -7.59 0.26
C LYS A 54 -2.10 -8.57 1.05
N ARG A 55 -2.26 -8.59 2.38
CA ARG A 55 -1.56 -9.54 3.26
C ARG A 55 -2.68 -10.10 4.12
N LEU A 56 -2.64 -11.39 4.41
CA LEU A 56 -3.67 -12.01 5.23
C LEU A 56 -3.32 -13.36 5.87
N ASP A 57 -2.27 -14.05 5.41
CA ASP A 57 -1.94 -15.35 5.98
C ASP A 57 -0.47 -15.77 5.97
N GLY A 58 0.41 -14.90 5.47
CA GLY A 58 1.84 -15.21 5.41
C GLY A 58 2.24 -16.24 4.36
N SER A 59 1.38 -16.45 3.38
CA SER A 59 1.62 -17.45 2.33
C SER A 59 2.53 -17.04 1.18
N VAL A 60 2.77 -15.74 1.04
CA VAL A 60 3.60 -15.22 -0.03
C VAL A 60 4.86 -14.59 0.55
N ASP A 61 6.00 -14.98 0.00
CA ASP A 61 7.28 -14.47 0.43
C ASP A 61 7.47 -13.08 -0.17
N PHE A 62 7.57 -12.06 0.67
CA PHE A 62 7.76 -10.71 0.19
C PHE A 62 9.21 -10.26 -0.03
N LYS A 63 10.17 -11.13 0.28
CA LYS A 63 11.56 -10.75 0.00
C LYS A 63 11.84 -11.08 -1.47
N LYS A 64 11.45 -10.15 -2.34
CA LYS A 64 11.62 -10.32 -3.78
C LYS A 64 12.59 -9.24 -4.25
N ASN A 65 13.15 -9.44 -5.43
CA ASN A 65 14.10 -8.49 -5.99
C ASN A 65 13.42 -7.33 -6.71
N TRP A 66 14.23 -6.46 -7.29
CA TRP A 66 13.74 -5.28 -8.00
C TRP A 66 12.75 -5.61 -9.13
N ILE A 67 13.15 -6.52 -10.02
CA ILE A 67 12.33 -6.94 -11.14
C ILE A 67 10.99 -7.56 -10.73
N GLN A 68 10.99 -8.35 -9.66
CA GLN A 68 9.76 -8.98 -9.17
C GLN A 68 8.85 -7.94 -8.58
N TYR A 69 9.40 -6.98 -7.86
CA TYR A 69 8.58 -5.92 -7.29
C TYR A 69 8.06 -5.01 -8.41
N LYS A 70 8.78 -4.96 -9.52
CA LYS A 70 8.37 -4.15 -10.65
C LYS A 70 7.19 -4.76 -11.40
N GLU A 71 7.26 -6.06 -11.64
CA GLU A 71 6.26 -6.80 -12.38
C GLU A 71 5.09 -7.37 -11.59
N GLY A 72 5.29 -7.61 -10.29
CA GLY A 72 4.22 -8.15 -9.47
C GLY A 72 4.43 -9.62 -9.14
N PHE A 73 3.87 -10.05 -8.02
CA PHE A 73 4.00 -11.44 -7.60
C PHE A 73 2.84 -11.76 -6.67
N GLY A 74 2.62 -13.03 -6.41
CA GLY A 74 1.52 -13.45 -5.55
C GLY A 74 0.39 -13.95 -6.42
N HIS A 75 -0.84 -13.91 -5.90
CA HIS A 75 -2.00 -14.41 -6.64
C HIS A 75 -3.22 -13.53 -6.47
N LEU A 76 -4.00 -13.45 -7.53
CA LEU A 76 -5.25 -12.70 -7.53
C LEU A 76 -6.36 -13.74 -7.49
N SER A 77 -7.34 -13.54 -6.62
CA SER A 77 -8.45 -14.47 -6.50
C SER A 77 -9.77 -13.73 -6.53
N PRO A 78 -10.84 -14.39 -7.03
CA PRO A 78 -12.19 -13.84 -7.13
C PRO A 78 -12.73 -13.42 -5.75
N THR A 79 -12.27 -14.12 -4.71
CA THR A 79 -12.67 -13.87 -3.34
C THR A 79 -11.80 -12.84 -2.59
N GLY A 80 -10.68 -12.45 -3.20
CA GLY A 80 -9.79 -11.50 -2.55
C GLY A 80 -9.21 -12.08 -1.27
N THR A 81 -8.84 -13.36 -1.31
CA THR A 81 -8.31 -14.04 -0.14
C THR A 81 -6.88 -14.58 -0.32
N THR A 82 -6.13 -13.94 -1.20
CA THR A 82 -4.75 -14.31 -1.49
C THR A 82 -3.87 -13.07 -1.37
N GLU A 83 -2.61 -13.28 -1.03
CA GLU A 83 -1.66 -12.18 -0.90
C GLU A 83 -1.02 -11.88 -2.25
N PHE A 84 -0.68 -10.63 -2.46
CA PHE A 84 -0.03 -10.23 -3.69
C PHE A 84 0.48 -8.80 -3.61
N TRP A 85 1.27 -8.45 -4.61
CA TRP A 85 1.81 -7.11 -4.77
C TRP A 85 1.56 -6.96 -6.26
N LEU A 86 0.77 -5.96 -6.65
CA LEU A 86 0.43 -5.77 -8.06
C LEU A 86 1.60 -5.50 -9.02
N GLY A 87 2.64 -4.86 -8.54
CA GLY A 87 3.78 -4.57 -9.41
C GLY A 87 3.91 -3.08 -9.49
N ASN A 88 5.12 -2.59 -9.24
CA ASN A 88 5.40 -1.16 -9.27
C ASN A 88 5.10 -0.49 -10.60
N GLU A 89 5.36 -1.20 -11.70
CA GLU A 89 5.07 -0.63 -13.01
C GLU A 89 3.57 -0.37 -13.20
N LYS A 90 2.75 -1.35 -12.83
CA LYS A 90 1.29 -1.22 -12.95
C LYS A 90 0.71 -0.14 -12.03
N ILE A 91 1.23 -0.07 -10.79
CA ILE A 91 0.79 0.94 -9.82
C ILE A 91 1.13 2.33 -10.36
N HIS A 92 2.28 2.46 -11.01
CA HIS A 92 2.69 3.73 -11.61
C HIS A 92 1.73 4.12 -12.74
N LEU A 93 1.47 3.19 -13.66
CA LEU A 93 0.56 3.44 -14.78
C LEU A 93 -0.82 3.89 -14.37
N ILE A 94 -1.40 3.23 -13.37
CA ILE A 94 -2.73 3.57 -12.88
C ILE A 94 -2.79 4.93 -12.18
N SER A 95 -1.92 5.13 -11.18
CA SER A 95 -1.91 6.37 -10.39
C SER A 95 -1.53 7.64 -11.16
N THR A 96 -0.86 7.48 -12.30
CA THR A 96 -0.47 8.64 -13.08
C THR A 96 -1.13 8.68 -14.47
N GLN A 97 -2.21 7.95 -14.69
CA GLN A 97 -2.83 7.92 -16.01
C GLN A 97 -3.46 9.21 -16.49
N SER A 98 -3.86 10.08 -15.59
CA SER A 98 -4.44 11.35 -16.01
C SER A 98 -4.20 12.43 -14.96
N ALA A 99 -4.86 13.57 -15.13
CA ALA A 99 -4.71 14.67 -14.17
C ALA A 99 -5.57 14.48 -12.91
N ILE A 100 -6.52 13.55 -12.96
CA ILE A 100 -7.40 13.28 -11.83
C ILE A 100 -6.65 12.53 -10.71
N PRO A 101 -6.56 13.14 -9.52
CA PRO A 101 -5.87 12.55 -8.38
C PRO A 101 -6.54 11.34 -7.76
N TYR A 102 -5.72 10.44 -7.23
CA TYR A 102 -6.20 9.25 -6.56
C TYR A 102 -5.91 9.41 -5.09
N ALA A 103 -6.65 8.69 -4.28
CA ALA A 103 -6.44 8.69 -2.87
C ALA A 103 -6.05 7.26 -2.57
N LEU A 104 -5.12 7.10 -1.64
CA LEU A 104 -4.66 5.79 -1.20
C LEU A 104 -5.30 5.53 0.15
N ARG A 105 -5.89 4.35 0.31
CA ARG A 105 -6.45 3.94 1.58
C ARG A 105 -5.66 2.70 2.03
N VAL A 106 -5.12 2.78 3.23
CA VAL A 106 -4.39 1.68 3.82
C VAL A 106 -5.36 1.14 4.85
N GLU A 107 -5.74 -0.12 4.68
CA GLU A 107 -6.68 -0.75 5.58
C GLU A 107 -5.94 -1.79 6.40
N LEU A 108 -6.07 -1.72 7.72
CA LEU A 108 -5.35 -2.65 8.60
C LEU A 108 -6.27 -3.41 9.52
N GLU A 109 -5.90 -4.65 9.84
CA GLU A 109 -6.68 -5.46 10.77
C GLU A 109 -5.73 -6.15 11.74
N ASP A 110 -6.06 -6.06 13.04
CA ASP A 110 -5.23 -6.68 14.06
C ASP A 110 -5.69 -8.09 14.38
N TRP A 111 -4.96 -8.75 15.27
CA TRP A 111 -5.26 -10.12 15.67
C TRP A 111 -6.50 -10.29 16.56
N ASN A 112 -7.09 -9.18 16.98
CA ASN A 112 -8.30 -9.20 17.80
C ASN A 112 -9.51 -8.85 16.93
N GLY A 113 -9.32 -8.79 15.62
CA GLY A 113 -10.42 -8.47 14.73
C GLY A 113 -10.74 -7.00 14.50
N ARG A 114 -10.05 -6.09 15.20
CA ARG A 114 -10.27 -4.66 15.02
C ARG A 114 -9.56 -4.18 13.75
N THR A 115 -10.19 -3.23 13.06
CA THR A 115 -9.60 -2.68 11.83
C THR A 115 -9.47 -1.16 11.92
N SER A 116 -8.61 -0.59 11.07
CA SER A 116 -8.40 0.85 11.04
C SER A 116 -7.99 1.24 9.63
N THR A 117 -8.09 2.52 9.31
CA THR A 117 -7.73 3.00 7.99
C THR A 117 -6.90 4.28 8.07
N ALA A 118 -6.20 4.60 7.00
CA ALA A 118 -5.40 5.82 6.91
C ALA A 118 -5.52 6.18 5.44
N ASP A 119 -5.92 7.42 5.14
CA ASP A 119 -6.08 7.88 3.76
C ASP A 119 -5.07 8.95 3.40
N TYR A 120 -4.57 8.92 2.18
CA TYR A 120 -3.59 9.89 1.70
C TYR A 120 -4.06 10.39 0.36
N ALA A 121 -4.17 11.71 0.27
CA ALA A 121 -4.64 12.36 -0.95
C ALA A 121 -3.55 12.60 -1.98
N MET A 122 -3.92 12.50 -3.24
CA MET A 122 -3.00 12.72 -4.36
C MET A 122 -1.81 11.78 -4.30
N PHE A 123 -2.12 10.49 -4.23
CA PHE A 123 -1.10 9.47 -4.18
C PHE A 123 -0.63 9.14 -5.58
N LYS A 124 0.69 9.08 -5.76
CA LYS A 124 1.30 8.70 -7.03
C LYS A 124 2.56 7.89 -6.73
N VAL A 125 2.96 7.11 -7.73
CA VAL A 125 4.16 6.31 -7.69
C VAL A 125 4.79 6.73 -9.01
N GLY A 126 6.02 7.24 -8.93
CA GLY A 126 6.73 7.70 -10.11
C GLY A 126 7.22 6.62 -11.04
N PRO A 127 7.81 7.01 -12.18
CA PRO A 127 8.33 6.06 -13.17
C PRO A 127 9.53 5.30 -12.63
N GLU A 128 9.95 4.28 -13.37
CA GLU A 128 11.11 3.50 -12.95
C GLU A 128 12.38 4.36 -12.97
N ALA A 129 12.42 5.36 -13.86
CA ALA A 129 13.56 6.28 -13.96
C ALA A 129 13.77 7.03 -12.66
N ASP A 130 12.71 7.23 -11.89
CA ASP A 130 12.82 7.91 -10.59
C ASP A 130 12.65 6.87 -9.45
N LYS A 131 12.99 5.62 -9.76
CA LYS A 131 12.92 4.47 -8.85
C LYS A 131 11.56 4.34 -8.13
N TYR A 132 10.47 4.51 -8.88
CA TYR A 132 9.12 4.40 -8.33
C TYR A 132 8.90 5.14 -7.03
N ARG A 133 9.32 6.41 -7.01
CA ARG A 133 9.22 7.28 -5.84
C ARG A 133 7.78 7.45 -5.38
N LEU A 134 7.58 7.43 -4.07
CA LEU A 134 6.27 7.62 -3.48
C LEU A 134 6.06 9.08 -3.17
N THR A 135 4.95 9.65 -3.62
CA THR A 135 4.62 11.04 -3.29
C THR A 135 3.12 11.17 -3.01
N TYR A 136 2.77 11.99 -2.04
CA TYR A 136 1.37 12.26 -1.74
C TYR A 136 1.33 13.69 -1.26
N ALA A 137 0.16 14.33 -1.34
CA ALA A 137 0.00 15.72 -0.92
C ALA A 137 -0.19 15.87 0.58
N TYR A 138 -1.14 15.13 1.14
CA TYR A 138 -1.39 15.22 2.57
C TYR A 138 -2.16 14.02 3.08
N PHE A 139 -2.03 13.78 4.38
CA PHE A 139 -2.76 12.72 5.06
C PHE A 139 -4.18 13.26 5.12
N ALA A 140 -5.14 12.46 4.66
CA ALA A 140 -6.53 12.86 4.62
C ALA A 140 -7.35 12.40 5.82
N GLY A 141 -6.77 11.59 6.70
CA GLY A 141 -7.51 11.13 7.86
C GLY A 141 -7.57 9.64 8.01
N GLY A 142 -7.95 9.19 9.21
CA GLY A 142 -8.03 7.78 9.47
C GLY A 142 -7.53 7.44 10.87
N ASP A 143 -8.19 6.52 11.54
CA ASP A 143 -7.79 6.14 12.89
C ASP A 143 -6.53 5.32 13.00
N ALA A 144 -5.96 4.89 11.87
CA ALA A 144 -4.70 4.14 11.93
C ALA A 144 -3.59 5.13 12.23
N GLY A 145 -3.81 6.40 11.89
CA GLY A 145 -2.79 7.40 12.15
C GLY A 145 -1.91 7.57 10.93
N ASP A 146 -1.14 8.64 10.90
CA ASP A 146 -0.28 8.97 9.79
C ASP A 146 1.16 8.45 9.97
N ALA A 147 1.38 7.15 9.74
CA ALA A 147 2.72 6.59 9.90
C ALA A 147 3.65 7.05 8.79
N PHE A 148 3.10 7.38 7.64
CA PHE A 148 3.94 7.85 6.53
C PHE A 148 4.63 9.17 6.83
N ASP A 149 4.13 9.89 7.83
CA ASP A 149 4.73 11.17 8.20
C ASP A 149 5.92 10.93 9.10
N GLY A 150 6.11 9.69 9.55
CA GLY A 150 7.22 9.39 10.43
C GLY A 150 6.73 9.22 11.85
N PHE A 151 7.54 8.62 12.69
CA PHE A 151 7.14 8.41 14.06
C PHE A 151 8.34 8.52 14.99
N ASP A 152 8.12 9.06 16.17
CA ASP A 152 9.19 9.18 17.15
C ASP A 152 9.15 7.96 18.08
N PHE A 153 9.97 6.97 17.74
CA PHE A 153 10.06 5.75 18.52
C PHE A 153 10.78 5.99 19.84
N GLY A 154 11.29 7.21 20.01
CA GLY A 154 11.98 7.57 21.24
C GLY A 154 13.46 7.26 21.27
N ASP A 155 13.93 6.44 20.34
CA ASP A 155 15.35 6.09 20.33
C ASP A 155 16.25 7.13 19.64
N ASP A 156 15.68 8.31 19.37
CA ASP A 156 16.42 9.40 18.74
C ASP A 156 15.47 10.58 18.58
N PRO A 157 15.98 11.82 18.77
CA PRO A 157 15.12 13.01 18.62
C PRO A 157 14.64 13.15 17.17
N SER A 158 15.52 12.80 16.23
CA SER A 158 15.21 12.89 14.80
C SER A 158 14.56 11.62 14.24
N ASP A 159 13.97 10.80 15.11
CA ASP A 159 13.32 9.57 14.65
C ASP A 159 12.27 9.88 13.60
N LYS A 160 11.47 10.91 13.84
CA LYS A 160 10.40 11.27 12.91
C LYS A 160 10.92 11.57 11.52
N PHE A 161 11.97 12.38 11.42
CA PHE A 161 12.54 12.71 10.11
C PHE A 161 13.15 11.47 9.45
N PHE A 162 13.69 10.56 10.26
CA PHE A 162 14.28 9.30 9.78
C PHE A 162 13.28 8.27 9.31
N THR A 163 12.05 8.31 9.82
CA THR A 163 11.05 7.31 9.47
C THR A 163 9.90 7.74 8.55
N SER A 164 9.98 8.96 8.02
CA SER A 164 8.98 9.49 7.11
C SER A 164 9.10 8.81 5.74
N HIS A 165 7.99 8.69 5.02
CA HIS A 165 8.02 8.00 3.75
C HIS A 165 7.72 8.81 2.49
N ASN A 166 7.15 9.99 2.65
CA ASN A 166 6.81 10.82 1.50
C ASN A 166 8.08 11.19 0.77
N GLY A 167 8.10 11.00 -0.54
CA GLY A 167 9.26 11.34 -1.34
C GLY A 167 10.36 10.30 -1.38
N MET A 168 10.14 9.12 -0.80
CA MET A 168 11.19 8.09 -0.81
C MET A 168 11.08 7.22 -2.04
N GLN A 169 12.24 6.85 -2.59
CA GLN A 169 12.26 5.96 -3.73
C GLN A 169 12.02 4.54 -3.18
N PHE A 170 11.74 3.59 -4.07
CA PHE A 170 11.51 2.21 -3.65
C PHE A 170 12.86 1.51 -3.59
N SER A 171 13.01 0.59 -2.64
CA SER A 171 14.23 -0.18 -2.46
C SER A 171 13.90 -1.66 -2.32
N THR A 172 14.78 -2.50 -2.88
CA THR A 172 14.70 -3.95 -2.77
C THR A 172 16.13 -4.32 -2.34
N TRP A 173 16.33 -5.54 -1.85
CA TRP A 173 17.64 -5.94 -1.37
C TRP A 173 18.73 -5.69 -2.39
N ASP A 174 18.38 -5.80 -3.68
CA ASP A 174 19.34 -5.60 -4.75
C ASP A 174 19.30 -4.21 -5.42
N ASN A 175 18.56 -3.27 -4.83
CA ASN A 175 18.45 -1.92 -5.38
C ASN A 175 18.11 -1.02 -4.20
N ASP A 176 19.16 -0.68 -3.47
CA ASP A 176 19.07 0.15 -2.27
C ASP A 176 19.01 1.63 -2.65
N ASN A 177 17.91 2.28 -2.27
CA ASN A 177 17.70 3.68 -2.56
C ASN A 177 17.24 4.42 -1.31
N ASP A 178 17.50 3.84 -0.13
CA ASP A 178 17.09 4.45 1.13
C ASP A 178 18.14 5.44 1.64
N LYS A 179 17.91 6.02 2.82
CA LYS A 179 18.86 6.99 3.39
C LYS A 179 19.62 6.45 4.60
N PHE A 180 19.79 5.14 4.62
CA PHE A 180 20.47 4.43 5.69
C PHE A 180 21.82 4.00 5.13
N GLU A 181 22.83 4.00 6.00
CA GLU A 181 24.19 3.61 5.62
C GLU A 181 24.12 2.14 5.19
N GLY A 182 23.28 1.38 5.89
CA GLY A 182 23.10 -0.03 5.60
C GLY A 182 22.04 -0.25 4.53
N ASN A 183 21.51 -1.45 4.44
CA ASN A 183 20.50 -1.79 3.44
C ASN A 183 19.18 -2.15 4.13
N CYS A 184 18.26 -1.19 4.24
CA CYS A 184 16.97 -1.45 4.90
C CYS A 184 16.21 -2.66 4.36
N ALA A 185 16.17 -2.80 3.04
CA ALA A 185 15.47 -3.91 2.38
C ALA A 185 16.08 -5.29 2.65
N GLU A 186 17.40 -5.37 2.61
CA GLU A 186 18.09 -6.63 2.86
C GLU A 186 17.89 -7.04 4.32
N GLN A 187 18.00 -6.07 5.21
CA GLN A 187 17.83 -6.28 6.65
C GLN A 187 16.44 -6.75 7.07
N ASP A 188 15.41 -6.16 6.48
CA ASP A 188 14.06 -6.54 6.81
C ASP A 188 13.64 -7.72 5.96
N GLY A 189 14.17 -7.77 4.74
CA GLY A 189 13.83 -8.84 3.83
C GLY A 189 12.50 -8.51 3.15
N SER A 190 12.45 -7.37 2.45
CA SER A 190 11.24 -6.92 1.75
C SER A 190 11.56 -5.80 0.78
N GLY A 191 10.53 -5.30 0.11
CA GLY A 191 10.67 -4.20 -0.82
C GLY A 191 9.71 -3.12 -0.31
N TRP A 192 10.18 -1.88 -0.22
CA TRP A 192 9.32 -0.82 0.32
C TRP A 192 9.97 0.53 0.09
N TRP A 193 9.23 1.60 0.38
CA TRP A 193 9.74 2.95 0.25
C TRP A 193 10.47 3.22 1.55
N MET A 194 11.69 2.72 1.64
CA MET A 194 12.51 2.85 2.85
C MET A 194 13.21 4.21 2.96
N ASN A 195 13.33 4.69 4.19
CA ASN A 195 14.02 5.93 4.50
C ASN A 195 15.26 5.50 5.35
N LYS A 196 15.33 5.89 6.63
CA LYS A 196 16.43 5.43 7.49
C LYS A 196 15.62 4.44 8.29
N CYS A 197 15.01 3.65 7.41
CA CYS A 197 14.09 2.56 7.51
C CYS A 197 12.57 2.79 7.52
N HIS A 198 11.89 2.77 8.65
CA HIS A 198 10.44 2.89 8.52
C HIS A 198 9.61 3.11 9.76
N ALA A 199 8.43 3.70 9.56
CA ALA A 199 7.43 3.91 10.61
C ALA A 199 6.17 3.11 10.20
N GLY A 200 5.97 2.92 8.89
CA GLY A 200 4.84 2.17 8.36
C GLY A 200 5.49 1.26 7.34
N HIS A 201 5.30 -0.05 7.47
CA HIS A 201 5.94 -1.01 6.58
C HIS A 201 5.02 -2.22 6.44
N LEU A 202 4.26 -2.26 5.36
CA LEU A 202 3.28 -3.33 5.18
C LEU A 202 3.76 -4.57 4.42
N ASN A 203 4.98 -4.52 3.89
CA ASN A 203 5.55 -5.64 3.14
C ASN A 203 6.54 -6.44 3.98
N GLY A 204 6.44 -6.31 5.29
CA GLY A 204 7.34 -7.02 6.18
C GLY A 204 7.01 -8.48 6.39
N VAL A 205 7.76 -9.09 7.31
CA VAL A 205 7.59 -10.50 7.63
C VAL A 205 6.29 -10.74 8.37
N TYR A 206 5.56 -11.75 7.91
CA TYR A 206 4.27 -12.10 8.54
C TYR A 206 4.53 -12.89 9.80
N TYR A 207 4.30 -12.28 10.95
CA TYR A 207 4.48 -12.91 12.25
C TYR A 207 3.13 -13.40 12.76
N GLN A 208 3.03 -14.71 13.01
CA GLN A 208 1.79 -15.30 13.47
C GLN A 208 1.49 -14.82 14.88
N GLY A 209 0.23 -14.51 15.13
CA GLY A 209 -0.15 -14.04 16.44
C GLY A 209 0.07 -12.57 16.71
N GLY A 210 0.76 -11.86 15.84
CA GLY A 210 0.98 -10.43 16.06
C GLY A 210 2.21 -10.02 16.85
N THR A 211 2.29 -10.46 18.09
CA THR A 211 3.43 -10.15 18.95
C THR A 211 4.74 -10.82 18.51
N TYR A 212 5.83 -10.06 18.50
CA TYR A 212 7.13 -10.61 18.18
C TYR A 212 8.12 -9.77 18.98
N SER A 213 9.39 -10.12 18.99
CA SER A 213 10.32 -9.32 19.76
C SER A 213 11.70 -9.35 19.16
N LYS A 214 12.65 -8.69 19.83
CA LYS A 214 14.05 -8.63 19.42
C LYS A 214 14.58 -10.05 19.31
N ALA A 215 14.08 -10.90 20.22
CA ALA A 215 14.47 -12.31 20.28
C ALA A 215 14.02 -13.13 19.09
N SER A 216 12.99 -12.66 18.37
CA SER A 216 12.42 -13.37 17.22
C SER A 216 13.38 -13.54 16.06
N THR A 217 14.32 -12.62 15.93
CA THR A 217 15.31 -12.71 14.86
C THR A 217 16.69 -12.65 15.51
N PRO A 218 17.69 -13.30 14.91
CA PRO A 218 19.03 -13.26 15.47
C PRO A 218 19.51 -11.83 15.74
N ASN A 219 19.33 -10.93 14.78
CA ASN A 219 19.78 -9.55 14.98
C ASN A 219 18.82 -8.56 15.59
N GLY A 220 17.65 -9.03 15.99
CA GLY A 220 16.66 -8.17 16.64
C GLY A 220 15.96 -7.09 15.84
N TYR A 221 15.76 -7.33 14.54
CA TYR A 221 15.11 -6.34 13.70
C TYR A 221 13.61 -6.27 13.88
N ASP A 222 13.08 -5.05 13.83
CA ASP A 222 11.63 -4.86 13.91
C ASP A 222 11.14 -4.91 12.44
N ASN A 223 11.19 -6.13 11.87
CA ASN A 223 10.82 -6.37 10.47
C ASN A 223 9.43 -6.93 10.18
N GLY A 224 8.49 -6.78 11.11
CA GLY A 224 7.14 -7.26 10.90
C GLY A 224 6.27 -6.29 10.12
N ILE A 225 4.98 -6.59 10.00
CA ILE A 225 4.04 -5.72 9.28
C ILE A 225 3.55 -4.66 10.26
N ILE A 226 4.26 -3.52 10.31
CA ILE A 226 3.95 -2.46 11.27
C ILE A 226 3.34 -1.19 10.73
N TRP A 227 2.71 -0.45 11.63
CA TRP A 227 2.11 0.86 11.35
C TRP A 227 2.22 1.49 12.73
N ALA A 228 3.36 2.12 12.99
CA ALA A 228 3.68 2.70 14.30
C ALA A 228 2.68 3.62 14.95
N THR A 229 1.82 4.26 14.17
CA THR A 229 0.82 5.15 14.74
C THR A 229 -0.38 4.41 15.30
N TRP A 230 -0.56 3.15 14.94
CA TRP A 230 -1.69 2.37 15.44
C TRP A 230 -1.26 1.35 16.49
N LYS A 231 -0.13 0.69 16.23
CA LYS A 231 0.38 -0.33 17.15
C LYS A 231 1.87 -0.15 17.32
N THR A 232 2.41 -0.77 18.36
CA THR A 232 3.84 -0.70 18.61
C THR A 232 4.62 -1.37 17.46
N ARG A 233 5.92 -1.12 17.37
CA ARG A 233 6.78 -1.70 16.33
C ARG A 233 6.99 -3.22 16.52
N TRP A 234 6.60 -3.74 17.68
CA TRP A 234 6.72 -5.16 18.00
C TRP A 234 5.38 -5.89 17.83
N TYR A 235 4.48 -5.28 17.07
CA TYR A 235 3.18 -5.86 16.80
C TYR A 235 3.02 -5.89 15.28
N SER A 236 2.88 -7.10 14.74
CA SER A 236 2.74 -7.31 13.32
C SER A 236 1.26 -7.52 12.98
N MET A 237 0.77 -6.83 11.96
CA MET A 237 -0.65 -6.92 11.56
C MET A 237 -1.12 -8.27 11.05
N LYS A 238 -2.43 -8.50 11.15
CA LYS A 238 -3.02 -9.75 10.69
C LYS A 238 -3.40 -9.63 9.23
N LYS A 239 -3.90 -8.48 8.83
CA LYS A 239 -4.27 -8.28 7.42
C LYS A 239 -3.97 -6.84 7.03
N THR A 240 -3.63 -6.63 5.77
CA THR A 240 -3.39 -5.26 5.28
C THR A 240 -3.91 -5.18 3.87
N THR A 241 -4.36 -4.00 3.47
CA THR A 241 -4.84 -3.79 2.12
C THR A 241 -4.41 -2.39 1.71
N MET A 242 -3.83 -2.27 0.53
CA MET A 242 -3.45 -0.97 0.01
C MET A 242 -4.28 -0.89 -1.25
N LYS A 243 -5.16 0.10 -1.33
CA LYS A 243 -6.08 0.27 -2.47
C LYS A 243 -6.31 1.74 -2.83
N ILE A 244 -6.50 1.99 -4.12
CA ILE A 244 -6.71 3.37 -4.58
C ILE A 244 -8.06 3.60 -5.24
N ILE A 245 -8.49 4.87 -5.22
CA ILE A 245 -9.78 5.28 -5.77
C ILE A 245 -9.67 6.77 -6.13
N PRO A 246 -10.37 7.23 -7.20
CA PRO A 246 -10.28 8.65 -7.55
C PRO A 246 -10.66 9.47 -6.29
N PHE A 247 -9.84 10.48 -5.95
CA PHE A 247 -10.04 11.28 -4.74
C PHE A 247 -11.43 11.88 -4.52
N ASN A 248 -12.08 12.27 -5.61
CA ASN A 248 -13.43 12.84 -5.52
C ASN A 248 -14.44 11.91 -4.84
N ARG A 249 -14.16 10.60 -4.83
CA ARG A 249 -15.05 9.62 -4.21
C ARG A 249 -15.06 9.74 -2.68
N LEU A 250 -13.97 10.28 -2.12
CA LEU A 250 -13.86 10.46 -0.68
C LEU A 250 -14.48 11.78 -0.20
N THR A 251 -14.69 12.74 -1.09
CA THR A 251 -15.30 14.01 -0.70
C THR A 251 -16.78 14.05 -1.07
N ILE A 252 -17.44 12.91 -0.99
CA ILE A 252 -18.86 12.80 -1.33
C ILE A 252 -19.85 13.07 -0.16
N GLY A 253 -19.35 13.11 1.07
CA GLY A 253 -20.25 13.36 2.21
C GLY A 253 -20.08 14.71 2.91
N GLU A 254 -19.80 14.67 4.22
CA GLU A 254 -19.59 15.85 5.06
C GLU A 254 -18.15 16.39 4.87
N GLY A 255 -17.60 16.16 3.68
CA GLY A 255 -16.27 16.64 3.36
C GLY A 255 -16.39 17.91 2.55
N GLN A 256 -17.54 18.59 2.63
CA GLN A 256 -17.76 19.81 1.87
C GLN A 256 -18.49 20.94 2.61
N GLN A 257 -18.29 22.15 2.11
CA GLN A 257 -18.88 23.38 2.64
C GLN A 257 -20.11 23.76 1.81
N HIS A 258 -21.26 23.69 2.46
CA HIS A 258 -22.51 24.01 1.80
C HIS A 258 -22.80 25.48 2.04
N HIS A 259 -23.03 26.26 0.99
CA HIS A 259 -23.32 27.64 1.29
C HIS A 259 -24.66 28.25 0.93
N LEU A 260 -24.87 29.44 1.49
CA LEU A 260 -26.10 30.22 1.34
C LEU A 260 -25.75 31.72 1.30
CA CA B . 21.25 2.22 2.13
#